data_3BIH
#
_entry.id   3BIH
#
_cell.length_a   91.381
_cell.length_b   91.381
_cell.length_c   86.463
_cell.angle_alpha   90.00
_cell.angle_beta   90.00
_cell.angle_gamma   90.00
#
_symmetry.space_group_name_H-M   'P 4 2 2'
#
loop_
_entity.id
_entity.type
_entity.pdbx_description
1 polymer 'Fructose-1,6-bisphosphatase class II glpX'
2 non-polymer 'UNKNOWN ATOM OR ION'
3 water water
#
_entity_poly.entity_id   1
_entity_poly.type   'polypeptide(L)'
_entity_poly.pdbx_seq_one_letter_code
;GHMRRELAIEFSRVTESAALAGYKWLGRGDKNTADGAAVNAMRIMLNQVNIDGTIVIGEGEIAEAPMLYIGEKVGTGRGD
AVDIAVDPIEGTRMTAMGQANALAVLAVGDKGCFLNAPDMYMEKLIVGPGAKGTIDLNLPLADNLRNVAAALGKPLSELT
VTILAKPRHDAVIAEMQQLGVRVFAIPDGDVAASILTCMPDSEVDVLYGIGGAPEGVVSAAVIRALDGDMNGRLLARHDV
KGDNEENRRIGEQELARCKAMGIEAGKVLRLGDMARSDNVIFSATGITKGDLLEGISRKGNIATTETLLIRGKSRTIRRI
QSIHYLDRKDPEMQVHIL
;
_entity_poly.pdbx_strand_id   A
#
loop_
_chem_comp.id
_chem_comp.type
_chem_comp.name
_chem_comp.formula
UNX non-polymer 'UNKNOWN ATOM OR ION' ?
#
# COMPACT_ATOMS: atom_id res chain seq x y z
N MET A 3 0.90 -24.61 -5.20
CA MET A 3 1.72 -24.30 -6.43
C MET A 3 1.72 -22.80 -6.84
N ARG A 4 0.79 -22.02 -6.27
CA ARG A 4 0.91 -20.55 -6.25
C ARG A 4 2.04 -20.06 -5.33
N ARG A 5 2.39 -20.83 -4.30
CA ARG A 5 3.57 -20.40 -3.56
C ARG A 5 4.85 -20.52 -4.39
N GLU A 6 4.82 -21.39 -5.41
CA GLU A 6 5.93 -21.52 -6.37
C GLU A 6 6.13 -20.26 -7.19
N LEU A 7 5.11 -19.41 -7.25
CA LEU A 7 5.20 -18.19 -8.02
C LEU A 7 5.80 -17.03 -7.21
N ALA A 8 5.96 -17.22 -5.88
CA ALA A 8 6.41 -16.13 -4.96
C ALA A 8 7.72 -15.50 -5.45
N ILE A 9 8.70 -16.33 -5.78
CA ILE A 9 9.96 -15.84 -6.38
C ILE A 9 9.75 -15.03 -7.65
N GLU A 10 8.82 -15.48 -8.50
CA GLU A 10 8.48 -14.80 -9.74
C GLU A 10 7.95 -13.40 -9.48
N PHE A 11 7.07 -13.27 -8.50
CA PHE A 11 6.55 -11.95 -8.17
C PHE A 11 7.62 -11.00 -7.58
N SER A 12 8.59 -11.52 -6.83
CA SER A 12 9.66 -10.66 -6.28
C SER A 12 10.55 -10.11 -7.41
N ARG A 13 10.67 -10.90 -8.50
CA ARG A 13 11.41 -10.47 -9.71
C ARG A 13 10.69 -9.38 -10.37
N VAL A 14 9.37 -9.36 -10.28
CA VAL A 14 8.57 -8.31 -10.89
C VAL A 14 8.81 -6.94 -10.17
N THR A 15 8.81 -6.94 -8.85
CA THR A 15 9.10 -5.70 -8.10
C THR A 15 10.60 -5.30 -8.21
N GLU A 16 11.50 -6.27 -8.26
CA GLU A 16 12.94 -5.99 -8.48
C GLU A 16 13.13 -5.25 -9.80
N SER A 17 12.48 -5.71 -10.90
CA SER A 17 12.60 -5.05 -12.19
C SER A 17 12.01 -3.65 -12.22
N ALA A 18 10.81 -3.51 -11.69
CA ALA A 18 10.18 -2.21 -11.54
C ALA A 18 11.04 -1.22 -10.71
N ALA A 19 11.60 -1.69 -9.58
CA ALA A 19 12.45 -0.83 -8.71
C ALA A 19 13.72 -0.39 -9.48
N LEU A 20 14.44 -1.34 -10.06
CA LEU A 20 15.63 -1.04 -10.89
C LEU A 20 15.39 -0.07 -12.03
N ALA A 21 14.22 -0.18 -12.66
CA ALA A 21 13.83 0.75 -13.73
C ALA A 21 13.48 2.14 -13.19
N GLY A 22 12.85 2.21 -12.03
CA GLY A 22 12.63 3.52 -11.43
C GLY A 22 13.94 4.11 -10.90
N TYR A 23 14.86 3.25 -10.48
CA TYR A 23 16.18 3.67 -9.97
C TYR A 23 17.01 4.42 -11.05
N LYS A 24 16.83 4.02 -12.32
CA LYS A 24 17.55 4.64 -13.43
C LYS A 24 17.20 6.14 -13.51
N TRP A 25 16.00 6.49 -13.03
CA TRP A 25 15.51 7.89 -13.09
C TRP A 25 15.63 8.63 -11.79
N LEU A 26 16.34 8.04 -10.84
CA LEU A 26 16.50 8.65 -9.49
C LEU A 26 17.30 9.96 -9.59
N GLY A 27 16.70 11.03 -9.09
CA GLY A 27 17.34 12.29 -9.01
C GLY A 27 17.27 13.04 -10.35
N ARG A 28 16.36 12.61 -11.24
CA ARG A 28 16.35 13.18 -12.60
C ARG A 28 15.25 14.20 -12.83
N GLY A 29 14.42 14.43 -11.81
CA GLY A 29 13.47 15.52 -11.87
C GLY A 29 12.33 15.23 -12.82
N ASP A 30 12.17 13.97 -13.19
CA ASP A 30 11.09 13.62 -14.12
C ASP A 30 10.24 12.47 -13.54
N LYS A 31 9.13 12.84 -12.91
CA LYS A 31 8.19 11.93 -12.24
C LYS A 31 7.52 10.98 -13.23
N ASN A 32 7.12 11.54 -14.37
CA ASN A 32 6.41 10.78 -15.41
C ASN A 32 7.28 9.74 -16.08
N THR A 33 8.52 10.11 -16.41
CA THR A 33 9.41 9.15 -17.04
C THR A 33 9.85 8.06 -16.10
N ALA A 34 10.05 8.39 -14.83
CA ALA A 34 10.42 7.38 -13.81
C ALA A 34 9.26 6.40 -13.62
N ASP A 35 8.05 6.92 -13.46
CA ASP A 35 6.82 6.11 -13.42
C ASP A 35 6.67 5.19 -14.62
N GLY A 36 6.66 5.77 -15.81
CA GLY A 36 6.60 5.04 -17.07
C GLY A 36 7.59 3.90 -17.15
N ALA A 37 8.81 4.11 -16.66
CA ALA A 37 9.86 3.08 -16.67
C ALA A 37 9.45 1.92 -15.76
N ALA A 38 8.91 2.25 -14.60
CA ALA A 38 8.61 1.22 -13.60
C ALA A 38 7.33 0.45 -14.03
N VAL A 39 6.39 1.17 -14.61
CA VAL A 39 5.10 0.64 -15.11
C VAL A 39 5.45 -0.32 -16.26
N ASN A 40 6.22 0.21 -17.20
CA ASN A 40 6.71 -0.58 -18.29
CA ASN A 40 6.73 -0.57 -18.32
C ASN A 40 7.34 -1.88 -17.86
N ALA A 41 8.29 -1.79 -16.93
CA ALA A 41 9.05 -2.97 -16.47
C ALA A 41 8.19 -3.97 -15.68
N MET A 42 7.27 -3.45 -14.87
CA MET A 42 6.39 -4.33 -14.06
C MET A 42 5.44 -5.19 -14.99
N ARG A 43 4.84 -4.53 -15.97
CA ARG A 43 3.96 -5.18 -16.98
C ARG A 43 4.66 -6.23 -17.78
N ILE A 44 5.81 -5.89 -18.38
CA ILE A 44 6.70 -6.80 -19.11
C ILE A 44 6.95 -8.04 -18.28
N MET A 45 7.38 -7.83 -17.04
CA MET A 45 7.67 -8.96 -16.15
C MET A 45 6.43 -9.75 -15.78
N LEU A 46 5.32 -9.08 -15.48
CA LEU A 46 4.09 -9.83 -15.10
C LEU A 46 3.63 -10.71 -16.29
N ASN A 47 3.79 -10.19 -17.51
CA ASN A 47 3.35 -10.86 -18.73
C ASN A 47 4.12 -12.11 -19.05
N GLN A 48 5.19 -12.36 -18.31
CA GLN A 48 5.92 -13.62 -18.41
C GLN A 48 5.66 -14.58 -17.24
N VAL A 49 4.78 -14.20 -16.31
CA VAL A 49 4.43 -15.05 -15.18
C VAL A 49 3.19 -15.85 -15.57
N ASN A 50 3.18 -17.10 -15.17
CA ASN A 50 2.07 -18.02 -15.43
C ASN A 50 0.87 -17.83 -14.50
N ILE A 51 0.10 -16.79 -14.79
CA ILE A 51 -1.12 -16.47 -14.14
C ILE A 51 -2.04 -15.90 -15.21
N ASP A 52 -3.33 -15.89 -14.90
CA ASP A 52 -4.29 -15.14 -15.66
C ASP A 52 -4.76 -13.97 -14.76
N GLY A 53 -3.92 -12.92 -14.70
CA GLY A 53 -4.20 -11.78 -13.86
C GLY A 53 -5.12 -10.73 -14.46
N THR A 54 -5.95 -10.11 -13.61
CA THR A 54 -6.69 -8.92 -13.97
C THR A 54 -6.20 -7.82 -13.02
N ILE A 55 -5.95 -6.64 -13.57
CA ILE A 55 -5.48 -5.53 -12.79
C ILE A 55 -6.70 -5.00 -12.11
N VAL A 56 -6.67 -5.06 -10.79
CA VAL A 56 -7.81 -4.63 -9.97
C VAL A 56 -7.45 -3.29 -9.32
N ILE A 57 -6.19 -3.14 -8.96
CA ILE A 57 -5.66 -1.85 -8.47
C ILE A 57 -4.46 -1.51 -9.33
N GLY A 58 -4.46 -0.34 -9.95
CA GLY A 58 -3.40 -0.03 -10.90
C GLY A 58 -3.23 1.45 -11.19
N GLU A 59 -2.76 1.80 -12.40
CA GLU A 59 -2.41 3.18 -12.75
C GLU A 59 -3.58 4.10 -13.04
N GLY A 60 -4.75 3.56 -13.29
CA GLY A 60 -5.90 4.38 -13.66
C GLY A 60 -6.79 3.63 -14.64
N GLU A 61 -7.86 4.28 -15.11
CA GLU A 61 -8.72 3.72 -16.16
C GLU A 61 -7.99 3.84 -17.48
N ILE A 62 -8.35 2.99 -18.45
CA ILE A 62 -7.65 2.93 -19.76
C ILE A 62 -7.49 4.28 -20.46
N ALA A 63 -8.47 5.16 -20.27
CA ALA A 63 -8.46 6.50 -20.88
C ALA A 63 -7.28 7.33 -20.40
N GLU A 64 -6.90 7.15 -19.13
CA GLU A 64 -5.80 7.87 -18.52
C GLU A 64 -4.49 7.07 -18.44
N ALA A 65 -4.59 5.73 -18.39
CA ALA A 65 -3.41 4.91 -18.20
C ALA A 65 -3.36 3.84 -19.30
N PRO A 66 -2.53 4.07 -20.36
CA PRO A 66 -2.41 3.03 -21.40
C PRO A 66 -1.80 1.71 -20.94
N MET A 67 -1.03 1.72 -19.87
CA MET A 67 -0.54 0.45 -19.32
C MET A 67 -0.88 0.29 -17.82
N LEU A 68 -1.04 -0.97 -17.39
CA LEU A 68 -1.58 -1.33 -16.04
C LEU A 68 -2.84 -0.56 -15.64
N TYR A 69 -3.77 -0.49 -16.59
CA TYR A 69 -5.09 0.10 -16.34
C TYR A 69 -6.01 -0.94 -15.65
N ILE A 70 -7.10 -0.45 -15.05
CA ILE A 70 -7.97 -1.32 -14.31
C ILE A 70 -8.73 -2.15 -15.32
N GLY A 71 -8.73 -3.46 -15.11
CA GLY A 71 -9.35 -4.37 -16.05
C GLY A 71 -8.36 -5.05 -16.99
N GLU A 72 -7.11 -4.55 -17.05
CA GLU A 72 -6.10 -5.15 -17.94
C GLU A 72 -5.76 -6.56 -17.56
N LYS A 73 -5.60 -7.44 -18.57
CA LYS A 73 -5.16 -8.83 -18.40
C LYS A 73 -3.63 -8.93 -18.42
N VAL A 74 -3.02 -9.70 -17.52
CA VAL A 74 -1.58 -9.76 -17.46
C VAL A 74 -1.26 -11.16 -17.16
N GLY A 75 -0.05 -11.57 -17.49
CA GLY A 75 0.33 -12.95 -17.32
C GLY A 75 0.31 -13.64 -18.67
N THR A 76 0.85 -14.84 -18.67
CA THR A 76 0.81 -15.70 -19.83
C THR A 76 -0.57 -16.31 -20.04
N GLY A 77 -1.44 -16.26 -19.03
CA GLY A 77 -2.76 -16.84 -19.16
C GLY A 77 -2.84 -18.28 -18.73
N ARG A 78 -1.71 -18.93 -18.53
CA ARG A 78 -1.68 -20.20 -17.81
C ARG A 78 -1.84 -19.98 -16.28
N GLY A 79 -2.09 -21.02 -15.51
CA GLY A 79 -2.33 -20.85 -14.07
C GLY A 79 -3.66 -20.19 -13.73
N ASP A 80 -3.75 -19.75 -12.48
CA ASP A 80 -4.98 -19.40 -11.86
C ASP A 80 -5.39 -18.02 -12.33
N ALA A 81 -6.69 -17.81 -12.43
CA ALA A 81 -7.22 -16.44 -12.48
C ALA A 81 -6.95 -15.79 -11.11
N VAL A 82 -6.27 -14.66 -11.11
CA VAL A 82 -5.87 -13.97 -9.87
C VAL A 82 -6.16 -12.48 -10.00
N ASP A 83 -6.52 -11.84 -8.88
CA ASP A 83 -6.64 -10.36 -8.79
C ASP A 83 -5.22 -9.79 -8.66
N ILE A 84 -4.93 -8.67 -9.32
CA ILE A 84 -3.59 -8.08 -9.20
C ILE A 84 -3.71 -6.65 -8.71
N ALA A 85 -2.91 -6.29 -7.70
CA ALA A 85 -2.75 -4.89 -7.30
C ALA A 85 -1.31 -4.46 -7.61
N VAL A 86 -1.13 -3.37 -8.35
CA VAL A 86 0.21 -2.87 -8.71
C VAL A 86 0.37 -1.45 -8.22
N ASP A 87 1.52 -1.19 -7.59
CA ASP A 87 1.91 0.20 -7.31
C ASP A 87 3.38 0.27 -7.77
N PRO A 88 3.61 0.50 -9.08
CA PRO A 88 4.93 0.37 -9.74
C PRO A 88 6.02 1.23 -9.06
N ILE A 89 5.67 2.45 -8.67
CA ILE A 89 6.49 3.21 -7.72
C ILE A 89 5.57 3.80 -6.68
N GLU A 90 5.76 3.35 -5.47
CA GLU A 90 5.18 4.04 -4.34
C GLU A 90 6.24 5.08 -3.92
N GLY A 91 5.98 6.34 -4.25
CA GLY A 91 6.97 7.42 -4.01
C GLY A 91 7.59 7.98 -5.31
N THR A 92 6.77 8.31 -6.30
CA THR A 92 7.24 8.85 -7.59
C THR A 92 7.91 10.24 -7.39
N ARG A 93 7.29 11.11 -6.60
CA ARG A 93 7.87 12.45 -6.37
C ARG A 93 9.30 12.34 -5.83
N MET A 94 9.47 11.48 -4.85
CA MET A 94 10.77 11.23 -4.22
C MET A 94 11.81 10.53 -5.09
N THR A 95 11.37 9.62 -5.98
CA THR A 95 12.26 9.09 -7.03
C THR A 95 12.79 10.25 -7.90
N ALA A 96 11.91 11.11 -8.38
CA ALA A 96 12.31 12.27 -9.19
C ALA A 96 13.26 13.19 -8.40
N MET A 97 13.06 13.28 -7.09
CA MET A 97 13.83 14.22 -6.22
C MET A 97 15.04 13.57 -5.52
N GLY A 98 15.27 12.29 -5.77
CA GLY A 98 16.31 11.57 -5.07
C GLY A 98 16.15 11.52 -3.55
N GLN A 99 14.92 11.28 -3.10
CA GLN A 99 14.54 11.25 -1.68
C GLN A 99 14.22 9.84 -1.16
N ALA A 100 14.16 9.71 0.17
CA ALA A 100 13.95 8.44 0.87
C ALA A 100 12.60 7.85 0.56
N ASN A 101 12.38 6.57 0.89
CA ASN A 101 11.05 5.95 0.91
C ASN A 101 10.31 5.72 -0.41
N ALA A 102 11.04 5.69 -1.52
CA ALA A 102 10.47 5.18 -2.76
C ALA A 102 10.58 3.64 -2.82
N LEU A 103 9.52 2.97 -3.28
CA LEU A 103 9.54 1.50 -3.42
C LEU A 103 8.56 1.07 -4.49
N ALA A 104 8.75 -0.15 -4.97
CA ALA A 104 7.89 -0.79 -5.97
C ALA A 104 7.10 -1.92 -5.33
N VAL A 105 5.80 -1.89 -5.57
CA VAL A 105 4.85 -2.72 -4.83
C VAL A 105 3.90 -3.56 -5.74
N LEU A 106 3.72 -4.81 -5.36
CA LEU A 106 2.77 -5.68 -6.02
C LEU A 106 2.10 -6.62 -4.98
N ALA A 107 0.79 -6.85 -5.14
CA ALA A 107 0.00 -7.84 -4.35
C ALA A 107 -0.81 -8.73 -5.31
N VAL A 108 -0.83 -10.03 -5.04
CA VAL A 108 -1.58 -11.00 -5.86
C VAL A 108 -2.49 -11.76 -4.90
N GLY A 109 -3.78 -11.83 -5.23
CA GLY A 109 -4.75 -12.59 -4.43
C GLY A 109 -5.63 -13.46 -5.28
N ASP A 110 -6.56 -14.17 -4.63
CA ASP A 110 -7.52 -15.03 -5.32
C ASP A 110 -8.33 -14.10 -6.18
N LYS A 111 -8.90 -14.65 -7.26
CA LYS A 111 -9.89 -13.91 -8.03
C LYS A 111 -10.98 -13.36 -7.09
N GLY A 112 -11.32 -12.09 -7.24
CA GLY A 112 -12.33 -11.50 -6.37
C GLY A 112 -11.89 -11.11 -4.97
N CYS A 113 -10.61 -11.26 -4.64
CA CYS A 113 -10.06 -10.98 -3.27
C CYS A 113 -9.99 -9.48 -2.90
N PHE A 114 -9.71 -8.62 -3.88
CA PHE A 114 -9.52 -7.20 -3.61
C PHE A 114 -10.75 -6.38 -3.93
N LEU A 115 -11.14 -5.55 -2.97
CA LEU A 115 -12.18 -4.58 -3.19
C LEU A 115 -11.78 -3.71 -4.40
N ASN A 116 -12.64 -3.60 -5.41
CA ASN A 116 -12.39 -2.66 -6.52
C ASN A 116 -12.87 -1.26 -6.06
N ALA A 117 -11.98 -0.53 -5.38
CA ALA A 117 -12.35 0.80 -4.91
C ALA A 117 -12.07 1.80 -6.01
N PRO A 118 -12.91 2.84 -6.11
CA PRO A 118 -12.60 3.91 -7.07
C PRO A 118 -11.37 4.68 -6.57
N ASP A 119 -10.79 5.53 -7.41
CA ASP A 119 -9.67 6.36 -7.00
C ASP A 119 -10.17 7.54 -6.21
N MET A 120 -10.30 7.37 -4.90
CA MET A 120 -10.87 8.38 -4.00
C MET A 120 -10.16 8.28 -2.64
N TYR A 121 -10.59 9.07 -1.66
CA TYR A 121 -10.05 8.97 -0.31
C TYR A 121 -10.67 7.85 0.48
N MET A 122 -9.89 7.30 1.40
CA MET A 122 -10.33 6.32 2.39
C MET A 122 -9.70 6.67 3.74
N GLU A 123 -10.51 6.74 4.81
CA GLU A 123 -10.02 6.87 6.17
C GLU A 123 -9.59 5.50 6.63
N LYS A 124 -8.39 5.39 7.19
CA LYS A 124 -7.85 4.10 7.52
C LYS A 124 -7.49 4.03 8.98
N LEU A 125 -7.55 2.84 9.57
CA LEU A 125 -7.08 2.65 10.89
C LEU A 125 -6.49 1.28 10.88
N ILE A 126 -5.17 1.20 11.13
CA ILE A 126 -4.41 -0.05 10.99
C ILE A 126 -3.52 -0.36 12.19
N VAL A 127 -3.48 -1.63 12.58
CA VAL A 127 -2.72 -2.08 13.73
C VAL A 127 -2.08 -3.43 13.36
N GLY A 128 -1.13 -3.86 14.18
CA GLY A 128 -0.49 -5.12 14.04
C GLY A 128 -1.18 -6.24 14.78
N PRO A 129 -0.64 -7.46 14.68
CA PRO A 129 -1.15 -8.71 15.26
C PRO A 129 -1.51 -8.63 16.74
N GLY A 130 -0.73 -7.89 17.54
CA GLY A 130 -0.96 -7.78 18.99
C GLY A 130 -2.16 -6.96 19.41
N ALA A 131 -2.81 -6.29 18.46
CA ALA A 131 -4.01 -5.48 18.69
C ALA A 131 -5.12 -5.89 17.72
N LYS A 132 -4.99 -7.08 17.14
CA LYS A 132 -6.02 -7.60 16.23
C LYS A 132 -7.36 -7.79 17.00
N GLY A 133 -8.45 -7.31 16.43
CA GLY A 133 -9.74 -7.50 17.05
C GLY A 133 -10.07 -6.44 18.09
N THR A 134 -9.28 -5.37 18.13
CA THR A 134 -9.51 -4.30 19.12
C THR A 134 -9.84 -2.93 18.55
N ILE A 135 -10.09 -2.82 17.24
CA ILE A 135 -10.39 -1.53 16.59
C ILE A 135 -11.76 -1.52 15.95
N ASP A 136 -12.31 -0.31 15.77
CA ASP A 136 -13.60 -0.09 15.17
C ASP A 136 -13.77 1.36 14.82
N LEU A 137 -13.82 1.69 13.53
CA LEU A 137 -13.98 3.07 13.12
C LEU A 137 -15.34 3.64 13.42
N ASN A 138 -16.29 2.81 13.86
CA ASN A 138 -17.56 3.36 14.38
C ASN A 138 -17.36 4.03 15.76
N LEU A 139 -16.35 3.60 16.51
CA LEU A 139 -15.89 4.26 17.75
C LEU A 139 -14.98 5.48 17.49
N PRO A 140 -15.08 6.53 18.36
CA PRO A 140 -14.10 7.64 18.40
C PRO A 140 -12.62 7.21 18.40
N LEU A 141 -11.82 7.98 17.70
CA LEU A 141 -10.37 7.78 17.66
C LEU A 141 -9.76 7.54 19.02
N ALA A 142 -9.99 8.47 19.97
CA ALA A 142 -9.43 8.36 21.35
C ALA A 142 -9.73 7.03 22.00
N ASP A 143 -10.99 6.59 21.82
CA ASP A 143 -11.46 5.29 22.30
C ASP A 143 -10.67 4.20 21.62
N ASN A 144 -10.54 4.31 20.30
CA ASN A 144 -9.71 3.37 19.54
C ASN A 144 -8.28 3.30 20.02
N LEU A 145 -7.65 4.46 20.19
CA LEU A 145 -6.21 4.47 20.66
C LEU A 145 -5.98 3.87 22.04
N ARG A 146 -6.87 4.22 22.98
CA ARG A 146 -6.89 3.58 24.30
C ARG A 146 -7.01 2.07 24.22
N ASN A 147 -7.93 1.57 23.39
CA ASN A 147 -8.13 0.12 23.30
C ASN A 147 -6.89 -0.55 22.73
N VAL A 148 -6.28 0.13 21.74
CA VAL A 148 -5.03 -0.40 21.15
C VAL A 148 -3.90 -0.40 22.17
N ALA A 149 -3.68 0.74 22.83
CA ALA A 149 -2.66 0.81 23.90
C ALA A 149 -2.81 -0.34 24.94
N ALA A 150 -4.05 -0.57 25.41
CA ALA A 150 -4.30 -1.68 26.35
C ALA A 150 -3.99 -3.02 25.77
N ALA A 151 -4.43 -3.29 24.52
CA ALA A 151 -4.04 -4.57 23.91
C ALA A 151 -2.54 -4.72 23.81
N LEU A 152 -1.85 -3.62 23.51
CA LEU A 152 -0.40 -3.67 23.35
C LEU A 152 0.29 -3.68 24.71
N GLY A 153 -0.44 -3.28 25.77
CA GLY A 153 0.09 -3.33 27.14
C GLY A 153 1.09 -2.22 27.41
N LYS A 154 0.78 -1.03 26.90
CA LYS A 154 1.62 0.10 27.11
C LYS A 154 0.72 1.22 27.55
N PRO A 155 1.26 2.19 28.32
CA PRO A 155 0.52 3.42 28.49
C PRO A 155 0.22 4.13 27.17
N LEU A 156 -0.87 4.89 27.15
CA LEU A 156 -1.31 5.66 26.00
C LEU A 156 -0.20 6.61 25.50
N SER A 157 0.51 7.20 26.46
CA SER A 157 1.60 8.15 26.23
C SER A 157 2.76 7.56 25.44
N GLU A 158 2.94 6.24 25.54
N GLU A 158 2.93 6.23 25.53
CA GLU A 158 3.95 5.53 24.76
CA GLU A 158 3.94 5.50 24.76
C GLU A 158 3.48 5.21 23.32
C GLU A 158 3.40 4.79 23.49
N LEU A 159 2.16 5.11 23.10
CA LEU A 159 1.56 4.65 21.82
C LEU A 159 1.99 5.54 20.66
N THR A 160 2.44 4.93 19.56
CA THR A 160 2.94 5.70 18.42
C THR A 160 2.01 5.55 17.21
N VAL A 161 1.47 6.67 16.76
CA VAL A 161 0.57 6.67 15.64
C VAL A 161 1.23 7.40 14.47
N THR A 162 1.32 6.72 13.31
CA THR A 162 1.84 7.39 12.13
C THR A 162 0.69 7.83 11.26
N ILE A 163 0.84 8.97 10.59
CA ILE A 163 -0.28 9.59 9.90
C ILE A 163 0.35 10.47 8.85
N LEU A 164 -0.32 10.65 7.71
CA LEU A 164 0.17 11.55 6.66
C LEU A 164 0.18 13.04 7.06
N ALA A 165 1.32 13.70 6.83
CA ALA A 165 1.42 15.12 7.18
C ALA A 165 0.77 15.99 6.14
N LYS A 166 -0.56 16.16 6.27
CA LYS A 166 -1.36 16.91 5.31
C LYS A 166 -2.34 17.83 6.06
N PRO A 167 -2.68 18.99 5.49
CA PRO A 167 -3.57 19.93 6.20
C PRO A 167 -4.86 19.31 6.79
N ARG A 168 -5.43 18.32 6.07
CA ARG A 168 -6.63 17.60 6.53
C ARG A 168 -6.42 16.90 7.87
N HIS A 169 -5.17 16.66 8.22
CA HIS A 169 -4.86 15.95 9.44
C HIS A 169 -4.39 16.83 10.63
N ASP A 170 -4.35 18.13 10.47
CA ASP A 170 -4.00 19.09 11.55
C ASP A 170 -4.84 18.89 12.81
N ALA A 171 -6.16 18.99 12.67
CA ALA A 171 -7.05 18.84 13.83
C ALA A 171 -6.85 17.52 14.56
N VAL A 172 -6.73 16.43 13.82
CA VAL A 172 -6.58 15.13 14.46
C VAL A 172 -5.16 14.93 15.05
N ILE A 173 -4.17 15.54 14.42
CA ILE A 173 -2.80 15.48 14.98
C ILE A 173 -2.77 16.24 16.32
N ALA A 174 -3.32 17.45 16.34
CA ALA A 174 -3.46 18.22 17.59
C ALA A 174 -4.21 17.44 18.67
N GLU A 175 -5.27 16.73 18.29
CA GLU A 175 -6.05 15.93 19.23
C GLU A 175 -5.24 14.75 19.82
N MET A 176 -4.47 14.09 18.97
CA MET A 176 -3.70 12.95 19.44
C MET A 176 -2.56 13.40 20.33
N GLN A 177 -2.00 14.56 20.00
CA GLN A 177 -0.88 15.10 20.79
C GLN A 177 -1.44 15.53 22.15
N GLN A 178 -2.48 16.35 22.14
CA GLN A 178 -3.27 16.63 23.36
C GLN A 178 -3.61 15.36 24.19
N LEU A 179 -3.69 14.21 23.52
CA LEU A 179 -4.03 12.97 24.19
C LEU A 179 -2.80 12.31 24.81
N GLY A 180 -1.62 12.77 24.43
CA GLY A 180 -0.37 12.21 24.96
C GLY A 180 0.28 11.11 24.11
N VAL A 181 -0.31 10.88 22.94
CA VAL A 181 0.17 9.90 21.98
C VAL A 181 1.41 10.47 21.24
N ARG A 182 2.38 9.63 20.88
CA ARG A 182 3.46 10.05 19.94
C ARG A 182 2.97 9.98 18.49
N VAL A 183 3.22 11.04 17.73
CA VAL A 183 2.68 11.17 16.38
C VAL A 183 3.84 11.30 15.39
N PHE A 184 3.99 10.28 14.52
CA PHE A 184 4.96 10.27 13.41
C PHE A 184 4.25 10.72 12.11
N ALA A 185 4.39 12.00 11.79
CA ALA A 185 3.74 12.60 10.66
C ALA A 185 4.65 12.48 9.47
N ILE A 186 4.23 11.68 8.50
CA ILE A 186 5.08 11.31 7.39
C ILE A 186 4.80 12.10 6.12
N PRO A 187 5.88 12.44 5.39
CA PRO A 187 5.72 13.24 4.17
C PRO A 187 5.17 12.36 3.04
N ASP A 188 5.68 11.12 2.98
CA ASP A 188 5.47 10.18 1.85
C ASP A 188 4.04 9.66 1.76
N GLY A 189 3.92 8.33 1.66
CA GLY A 189 2.67 7.64 1.46
C GLY A 189 2.47 6.52 2.48
N ASP A 190 1.25 5.98 2.50
CA ASP A 190 0.80 5.17 3.65
C ASP A 190 0.85 3.67 3.45
N VAL A 191 1.26 3.22 2.27
CA VAL A 191 1.42 1.78 2.08
C VAL A 191 2.54 1.22 2.96
N ALA A 192 3.77 1.71 2.78
CA ALA A 192 4.92 1.19 3.54
C ALA A 192 4.76 1.36 5.06
N ALA A 193 4.30 2.56 5.41
CA ALA A 193 4.04 2.94 6.80
C ALA A 193 3.06 1.98 7.50
N SER A 194 2.02 1.49 6.79
CA SER A 194 1.05 0.57 7.43
C SER A 194 1.68 -0.73 7.85
N ILE A 195 2.70 -1.15 7.09
CA ILE A 195 3.34 -2.44 7.42
C ILE A 195 4.19 -2.33 8.69
N LEU A 196 4.57 -1.10 9.04
CA LEU A 196 5.44 -0.89 10.22
C LEU A 196 4.67 -1.33 11.48
N THR A 197 3.35 -1.12 11.47
CA THR A 197 2.46 -1.61 12.55
C THR A 197 2.67 -3.06 12.88
N CYS A 198 3.19 -3.84 11.93
CA CYS A 198 3.42 -5.26 12.10
C CYS A 198 4.92 -5.62 12.20
N MET A 199 5.81 -4.64 12.13
CA MET A 199 7.25 -4.93 12.30
C MET A 199 7.67 -4.66 13.76
N PRO A 200 8.05 -5.71 14.50
CA PRO A 200 8.38 -5.57 15.95
C PRO A 200 9.41 -4.49 16.20
N ASP A 201 10.34 -4.29 15.26
CA ASP A 201 11.42 -3.33 15.46
C ASP A 201 11.06 -1.89 15.09
N SER A 202 9.88 -1.67 14.50
CA SER A 202 9.42 -0.29 14.33
C SER A 202 8.67 0.20 15.59
N GLU A 203 8.87 1.47 15.96
CA GLU A 203 8.13 2.12 17.06
C GLU A 203 6.66 2.34 16.73
N VAL A 204 6.31 2.35 15.43
CA VAL A 204 4.95 2.58 14.95
C VAL A 204 4.05 1.44 15.41
N ASP A 205 3.00 1.84 16.12
CA ASP A 205 2.01 0.87 16.56
C ASP A 205 0.75 0.91 15.69
N VAL A 206 0.36 2.12 15.25
CA VAL A 206 -0.91 2.35 14.62
C VAL A 206 -0.71 3.28 13.42
N LEU A 207 -1.46 3.05 12.34
CA LEU A 207 -1.63 4.11 11.34
C LEU A 207 -3.04 4.58 11.37
N TYR A 208 -3.21 5.89 11.29
CA TYR A 208 -4.52 6.38 11.22
C TYR A 208 -4.52 7.50 10.22
N GLY A 209 -5.63 7.64 9.49
CA GLY A 209 -5.83 8.84 8.69
C GLY A 209 -6.32 8.65 7.26
N ILE A 210 -6.52 9.75 6.55
CA ILE A 210 -7.09 9.71 5.23
C ILE A 210 -5.99 9.68 4.17
N GLY A 211 -6.01 8.59 3.37
CA GLY A 211 -5.10 8.35 2.23
C GLY A 211 -5.92 7.83 1.04
N GLY A 212 -5.23 7.22 0.06
CA GLY A 212 -5.88 6.74 -1.16
C GLY A 212 -6.59 5.45 -0.92
N ALA A 213 -7.76 5.32 -1.53
CA ALA A 213 -8.55 4.09 -1.38
C ALA A 213 -7.89 2.89 -1.99
N PRO A 214 -7.35 3.02 -3.24
CA PRO A 214 -6.64 1.88 -3.80
C PRO A 214 -5.43 1.43 -2.98
N GLU A 215 -4.64 2.37 -2.48
CA GLU A 215 -3.53 2.07 -1.54
C GLU A 215 -4.04 1.35 -0.30
N GLY A 216 -5.16 1.82 0.26
CA GLY A 216 -5.82 1.13 1.39
C GLY A 216 -6.07 -0.35 1.19
N VAL A 217 -6.57 -0.72 0.01
CA VAL A 217 -6.84 -2.16 -0.27
C VAL A 217 -5.53 -2.90 -0.35
N VAL A 218 -4.50 -2.30 -0.92
CA VAL A 218 -3.20 -2.92 -0.90
C VAL A 218 -2.74 -3.09 0.53
N SER A 219 -2.86 -2.05 1.37
CA SER A 219 -2.60 -2.26 2.83
C SER A 219 -3.43 -3.39 3.44
N ALA A 220 -4.75 -3.37 3.20
CA ALA A 220 -5.64 -4.45 3.72
C ALA A 220 -5.12 -5.84 3.38
N ALA A 221 -4.66 -6.03 2.14
CA ALA A 221 -4.17 -7.36 1.70
C ALA A 221 -2.91 -7.86 2.46
N VAL A 222 -1.88 -7.00 2.51
CA VAL A 222 -0.68 -7.30 3.33
C VAL A 222 -0.95 -7.33 4.87
N ILE A 223 -1.76 -6.41 5.40
CA ILE A 223 -2.18 -6.44 6.84
C ILE A 223 -2.85 -7.78 7.16
N ARG A 224 -3.79 -8.17 6.28
CA ARG A 224 -4.37 -9.51 6.40
C ARG A 224 -3.36 -10.63 6.37
N ALA A 225 -2.43 -10.60 5.43
CA ALA A 225 -1.39 -11.64 5.35
C ALA A 225 -0.53 -11.69 6.61
N LEU A 226 -0.33 -10.53 7.23
CA LEU A 226 0.52 -10.39 8.43
C LEU A 226 -0.26 -10.60 9.74
N ASP A 227 -1.55 -10.90 9.62
CA ASP A 227 -2.46 -11.16 10.75
C ASP A 227 -2.64 -9.97 11.67
N GLY A 228 -2.66 -8.78 11.10
CA GLY A 228 -2.96 -7.54 11.86
C GLY A 228 -4.41 -7.22 11.59
N ASP A 229 -4.77 -5.94 11.66
CA ASP A 229 -6.16 -5.55 11.51
C ASP A 229 -6.24 -4.18 10.90
N MET A 230 -7.36 -3.94 10.25
CA MET A 230 -7.61 -2.68 9.61
C MET A 230 -9.13 -2.47 9.46
N ASN A 231 -9.55 -1.19 9.50
CA ASN A 231 -10.85 -0.75 9.06
C ASN A 231 -10.58 0.39 8.11
N GLY A 232 -11.49 0.59 7.17
CA GLY A 232 -11.41 1.72 6.25
C GLY A 232 -12.76 2.38 6.11
N ARG A 233 -12.81 3.57 5.51
CA ARG A 233 -14.06 4.24 5.26
C ARG A 233 -13.88 5.11 4.05
N LEU A 234 -14.62 4.84 2.98
CA LEU A 234 -14.51 5.66 1.77
C LEU A 234 -15.14 7.01 2.01
N LEU A 235 -14.50 8.06 1.50
CA LEU A 235 -14.94 9.44 1.70
C LEU A 235 -14.84 10.24 0.42
N ALA A 236 -15.92 10.92 0.05
CA ALA A 236 -15.94 11.72 -1.17
C ALA A 236 -15.14 13.00 -0.95
N ARG A 237 -14.63 13.59 -2.04
CA ARG A 237 -13.66 14.68 -1.98
C ARG A 237 -14.05 15.89 -1.12
N HIS A 238 -15.31 16.33 -1.22
CA HIS A 238 -15.84 17.50 -0.49
C HIS A 238 -15.98 17.29 1.04
N ASP A 239 -15.92 16.05 1.52
CA ASP A 239 -15.88 15.82 2.97
C ASP A 239 -14.43 15.79 3.49
N VAL A 240 -13.47 15.98 2.58
CA VAL A 240 -12.05 15.84 2.90
C VAL A 240 -11.28 17.15 2.69
N LYS A 241 -11.42 17.71 1.48
CA LYS A 241 -10.60 18.84 1.03
C LYS A 241 -11.42 20.08 0.72
N ASN A 244 -16.11 22.47 -0.65
CA ASN A 244 -15.80 23.28 -1.83
C ASN A 244 -16.89 23.11 -2.88
N GLU A 245 -16.50 23.25 -4.15
CA GLU A 245 -17.44 23.22 -5.28
C GLU A 245 -16.82 22.53 -6.50
N GLU A 246 -15.52 22.70 -6.70
CA GLU A 246 -14.74 21.84 -7.59
C GLU A 246 -14.50 20.46 -6.95
N ASN A 247 -14.56 20.43 -5.61
CA ASN A 247 -14.42 19.21 -4.82
C ASN A 247 -15.72 18.41 -4.73
N ARG A 248 -16.84 19.04 -5.04
CA ARG A 248 -18.09 18.29 -5.16
C ARG A 248 -18.41 17.96 -6.61
N ARG A 249 -17.76 18.63 -7.56
CA ARG A 249 -17.76 18.23 -8.97
C ARG A 249 -17.11 16.85 -9.08
N ILE A 250 -15.84 16.78 -8.66
CA ILE A 250 -15.03 15.56 -8.67
C ILE A 250 -15.44 14.57 -7.54
N GLY A 251 -16.18 15.07 -6.56
CA GLY A 251 -16.59 14.27 -5.41
C GLY A 251 -17.91 13.54 -5.56
N GLU A 252 -18.79 14.07 -6.40
CA GLU A 252 -20.08 13.42 -6.67
C GLU A 252 -19.92 12.34 -7.73
N GLN A 253 -18.91 12.49 -8.58
CA GLN A 253 -18.57 11.46 -9.56
C GLN A 253 -17.82 10.29 -8.91
N GLU A 254 -17.27 10.50 -7.71
CA GLU A 254 -16.69 9.41 -6.91
C GLU A 254 -17.80 8.56 -6.28
N LEU A 255 -18.87 9.20 -5.82
CA LEU A 255 -20.02 8.48 -5.27
C LEU A 255 -20.87 7.82 -6.38
N ALA A 256 -20.87 8.45 -7.56
CA ALA A 256 -21.46 7.89 -8.77
C ALA A 256 -20.76 6.59 -9.15
N ARG A 257 -19.43 6.65 -9.24
CA ARG A 257 -18.55 5.49 -9.45
C ARG A 257 -18.71 4.42 -8.37
N CYS A 258 -18.96 4.85 -7.14
CA CYS A 258 -19.23 3.95 -6.03
C CYS A 258 -20.54 3.18 -6.16
N LYS A 259 -21.63 3.93 -6.32
CA LYS A 259 -22.99 3.39 -6.40
C LYS A 259 -23.10 2.32 -7.51
N ALA A 260 -22.53 2.63 -8.67
CA ALA A 260 -22.55 1.73 -9.81
C ALA A 260 -21.30 0.86 -9.84
N MET A 261 -20.93 0.25 -8.70
CA MET A 261 -19.64 -0.45 -8.64
C MET A 261 -19.40 -1.71 -7.78
N GLY A 262 -20.28 -2.10 -6.83
CA GLY A 262 -21.37 -1.32 -6.27
C GLY A 262 -21.27 -1.29 -4.75
N ILE A 263 -20.58 -0.28 -4.23
CA ILE A 263 -20.43 -0.09 -2.76
C ILE A 263 -20.83 1.32 -2.28
N GLU A 264 -21.09 1.41 -0.98
CA GLU A 264 -21.48 2.68 -0.38
C GLU A 264 -20.34 3.32 0.40
N ALA A 265 -20.02 4.55 0.00
CA ALA A 265 -19.06 5.41 0.68
C ALA A 265 -19.59 5.80 2.06
N GLY A 266 -18.72 6.02 3.03
CA GLY A 266 -19.17 6.48 4.34
C GLY A 266 -19.48 5.39 5.34
N LYS A 267 -19.55 4.15 4.87
CA LYS A 267 -19.76 2.99 5.75
C LYS A 267 -18.37 2.37 6.10
N VAL A 268 -18.26 1.76 7.28
CA VAL A 268 -17.00 1.17 7.77
C VAL A 268 -16.77 -0.16 7.10
N LEU A 269 -15.62 -0.30 6.44
CA LEU A 269 -15.16 -1.58 5.88
C LEU A 269 -14.21 -2.25 6.88
N ARG A 270 -14.53 -3.51 7.20
CA ARG A 270 -13.71 -4.33 8.02
C ARG A 270 -12.56 -4.89 7.19
N LEU A 271 -11.60 -5.54 7.84
CA LEU A 271 -10.49 -6.09 7.08
C LEU A 271 -11.03 -6.94 5.89
N GLY A 272 -11.89 -7.91 6.19
CA GLY A 272 -12.50 -8.85 5.22
C GLY A 272 -13.31 -8.25 4.08
N ASP A 273 -13.77 -7.00 4.25
CA ASP A 273 -14.40 -6.22 3.20
C ASP A 273 -13.46 -5.65 2.12
N MET A 274 -12.15 -5.73 2.37
CA MET A 274 -11.16 -5.13 1.48
C MET A 274 -10.23 -6.16 0.87
N ALA A 275 -9.78 -7.08 1.72
CA ALA A 275 -9.02 -8.25 1.34
C ALA A 275 -9.81 -9.46 1.85
N ARG A 276 -10.30 -10.29 0.92
CA ARG A 276 -11.37 -11.27 1.21
C ARG A 276 -10.90 -12.66 1.53
N SER A 277 -9.64 -12.97 1.23
CA SER A 277 -9.12 -14.23 1.67
C SER A 277 -7.70 -14.04 2.10
N ASP A 278 -7.17 -15.10 2.69
CA ASP A 278 -5.81 -15.10 3.18
C ASP A 278 -4.78 -15.35 2.08
N ASN A 279 -5.21 -15.71 0.87
CA ASN A 279 -4.26 -16.12 -0.17
C ASN A 279 -3.75 -14.91 -0.92
N VAL A 280 -2.86 -14.17 -0.27
CA VAL A 280 -2.22 -13.01 -0.83
C VAL A 280 -0.72 -13.29 -0.91
N ILE A 281 -0.12 -12.92 -2.05
CA ILE A 281 1.35 -12.73 -2.12
C ILE A 281 1.61 -11.23 -2.28
N PHE A 282 2.44 -10.69 -1.39
CA PHE A 282 2.82 -9.29 -1.41
C PHE A 282 4.36 -9.20 -1.59
N SER A 283 4.80 -8.36 -2.51
CA SER A 283 6.23 -8.17 -2.82
C SER A 283 6.46 -6.67 -2.86
N ALA A 284 7.54 -6.22 -2.21
CA ALA A 284 7.93 -4.82 -2.31
C ALA A 284 9.44 -4.75 -2.34
N THR A 285 9.98 -4.01 -3.29
CA THR A 285 11.42 -3.80 -3.44
C THR A 285 11.77 -2.32 -3.21
N GLY A 286 12.80 -2.05 -2.44
CA GLY A 286 13.10 -0.64 -2.22
C GLY A 286 13.80 -0.09 -3.46
N ILE A 287 13.46 1.15 -3.79
CA ILE A 287 14.18 2.02 -4.74
C ILE A 287 15.20 2.96 -3.99
N THR A 288 14.69 3.78 -3.06
CA THR A 288 15.57 4.48 -2.11
C THR A 288 15.29 3.94 -0.72
N LYS A 289 16.25 4.10 0.17
CA LYS A 289 16.17 3.63 1.54
C LYS A 289 14.99 4.28 2.25
N GLY A 290 14.28 3.49 3.06
CA GLY A 290 13.28 4.05 3.91
C GLY A 290 13.08 3.22 5.12
N ASP A 291 12.01 3.50 5.84
CA ASP A 291 11.70 2.76 7.07
C ASP A 291 11.53 1.27 6.87
N LEU A 292 10.98 0.86 5.71
CA LEU A 292 10.69 -0.56 5.48
C LEU A 292 11.81 -1.33 4.81
N LEU A 293 12.48 -0.72 3.84
CA LEU A 293 13.38 -1.45 2.95
C LEU A 293 14.65 -0.67 2.64
N GLU A 294 15.77 -1.36 2.45
N GLU A 294 15.75 -1.40 2.44
CA GLU A 294 16.90 -0.60 1.92
CA GLU A 294 17.01 -0.85 1.90
C GLU A 294 16.64 -0.17 0.49
C GLU A 294 16.88 -0.41 0.41
N GLY A 295 17.53 0.71 0.06
CA GLY A 295 17.56 1.23 -1.29
C GLY A 295 18.43 0.43 -2.21
N ILE A 296 18.30 0.75 -3.49
CA ILE A 296 19.17 0.13 -4.48
C ILE A 296 20.52 0.83 -4.34
N SER A 297 21.58 0.02 -4.33
CA SER A 297 22.93 0.50 -4.52
C SER A 297 23.53 -0.06 -5.82
N ARG A 298 24.34 0.73 -6.52
CA ARG A 298 25.03 0.26 -7.74
C ARG A 298 26.48 0.65 -7.70
N LYS A 299 27.35 -0.35 -7.75
CA LYS A 299 28.80 -0.12 -7.90
C LYS A 299 29.28 -0.64 -9.26
N GLY A 300 29.19 0.22 -10.28
CA GLY A 300 29.54 -0.16 -11.64
C GLY A 300 28.58 -1.14 -12.30
N ASN A 301 28.98 -2.41 -12.38
CA ASN A 301 28.18 -3.43 -13.07
C ASN A 301 27.15 -4.16 -12.17
N ILE A 302 27.36 -4.06 -10.85
CA ILE A 302 26.56 -4.76 -9.85
C ILE A 302 25.58 -3.83 -9.10
N ALA A 303 24.30 -4.17 -9.17
CA ALA A 303 23.26 -3.52 -8.36
C ALA A 303 22.70 -4.46 -7.27
N THR A 304 22.33 -3.89 -6.14
CA THR A 304 21.67 -4.66 -5.09
C THR A 304 20.25 -4.14 -4.84
N THR A 305 19.35 -5.04 -4.47
CA THR A 305 17.96 -4.73 -4.14
C THR A 305 17.63 -5.44 -2.83
N GLU A 306 16.71 -4.88 -2.07
CA GLU A 306 16.09 -5.65 -1.00
C GLU A 306 14.62 -5.77 -1.31
N THR A 307 14.11 -6.97 -1.13
CA THR A 307 12.70 -7.22 -1.34
C THR A 307 12.03 -7.84 -0.11
N LEU A 308 10.92 -7.25 0.32
CA LEU A 308 10.08 -7.90 1.32
C LEU A 308 9.03 -8.81 0.64
N LEU A 309 9.06 -10.10 0.92
CA LEU A 309 8.15 -11.03 0.32
C LEU A 309 7.28 -11.78 1.34
N ILE A 310 5.98 -11.47 1.31
CA ILE A 310 5.01 -11.93 2.32
C ILE A 310 3.94 -12.84 1.65
N ARG A 311 3.65 -13.99 2.25
CA ARG A 311 2.61 -14.89 1.77
C ARG A 311 1.54 -15.13 2.87
N GLY A 312 0.29 -14.80 2.57
CA GLY A 312 -0.81 -14.93 3.54
C GLY A 312 -0.97 -16.35 4.10
N LYS A 313 -0.74 -17.35 3.27
CA LYS A 313 -0.99 -18.73 3.68
C LYS A 313 0.01 -19.20 4.72
N SER A 314 0.81 -18.31 5.26
CA SER A 314 1.92 -18.88 5.96
C SER A 314 2.68 -18.09 6.99
N ARG A 315 3.63 -18.87 7.46
CA ARG A 315 4.35 -18.82 8.72
C ARG A 315 5.77 -18.22 8.52
N THR A 316 5.96 -17.46 7.43
CA THR A 316 7.28 -16.97 7.00
C THR A 316 7.16 -15.66 6.23
N ILE A 317 8.00 -14.74 6.66
CA ILE A 317 8.18 -13.41 6.11
C ILE A 317 9.64 -13.42 5.63
N ARG A 318 9.88 -13.06 4.39
CA ARG A 318 11.24 -13.18 3.82
C ARG A 318 11.73 -11.80 3.47
N ARG A 319 13.02 -11.56 3.74
CA ARG A 319 13.67 -10.38 3.21
C ARG A 319 14.74 -10.91 2.30
N ILE A 320 14.63 -10.52 1.04
CA ILE A 320 15.53 -11.07 0.03
C ILE A 320 16.49 -10.02 -0.48
N GLN A 321 17.78 -10.26 -0.24
CA GLN A 321 18.85 -9.37 -0.69
C GLN A 321 19.45 -9.96 -1.96
N SER A 322 19.20 -9.34 -3.09
CA SER A 322 19.66 -9.87 -4.36
C SER A 322 20.80 -9.00 -4.90
N ILE A 323 21.83 -9.66 -5.40
CA ILE A 323 22.96 -8.98 -6.03
C ILE A 323 22.74 -9.22 -7.53
N HIS A 324 22.48 -8.16 -8.29
CA HIS A 324 22.21 -8.22 -9.75
C HIS A 324 23.45 -7.84 -10.61
N TYR A 325 23.92 -8.80 -11.41
CA TYR A 325 25.01 -8.58 -12.37
C TYR A 325 24.48 -7.97 -13.66
N LEU A 326 24.29 -6.65 -13.70
CA LEU A 326 23.74 -5.94 -14.86
C LEU A 326 24.68 -6.05 -16.07
UNK UNX B . 2.45 4.61 -8.12
#